data_6MF8
#
_entry.id   6MF8
#
_entity_poly.entity_id   1
_entity_poly.type   'polypeptide(L)'
_entity_poly.pdbx_seq_one_letter_code
;DATLTEKSFETDMNLNFQNLSVMGLRILLLKVAGFNLLMTLRLWSS
;
_entity_poly.pdbx_strand_id   A
#
# COMPACT_ATOMS: atom_id res chain seq x y z
N ASP A 1 -20.59 -3.92 0.60
CA ASP A 1 -20.69 -4.89 -0.48
C ASP A 1 -20.61 -4.21 -1.85
N ALA A 2 -19.39 -3.90 -2.26
CA ALA A 2 -19.17 -3.25 -3.55
C ALA A 2 -17.68 -3.04 -3.82
N THR A 3 -17.37 -2.56 -5.02
CA THR A 3 -15.98 -2.32 -5.40
C THR A 3 -15.58 -0.86 -5.14
N LEU A 4 -16.12 -0.29 -4.08
CA LEU A 4 -15.82 1.09 -3.72
C LEU A 4 -16.44 2.06 -4.73
N THR A 5 -15.83 2.14 -5.91
CA THR A 5 -16.32 3.02 -6.96
C THR A 5 -15.48 2.90 -8.22
N GLU A 6 -15.90 3.59 -9.28
CA GLU A 6 -15.18 3.55 -10.55
C GLU A 6 -14.32 4.80 -10.72
N LYS A 7 -13.67 4.91 -11.88
CA LYS A 7 -12.81 6.05 -12.17
C LYS A 7 -12.35 6.02 -13.62
N SER A 8 -12.00 4.82 -14.11
CA SER A 8 -11.53 4.66 -15.47
C SER A 8 -10.25 5.46 -15.71
N PHE A 9 -9.24 5.22 -14.87
CA PHE A 9 -7.97 5.91 -14.99
C PHE A 9 -6.99 5.43 -13.92
N GLU A 10 -7.52 5.14 -12.73
CA GLU A 10 -6.69 4.68 -11.62
C GLU A 10 -6.32 3.22 -11.80
N THR A 11 -5.48 2.93 -12.79
CA THR A 11 -5.05 1.57 -13.07
C THR A 11 -3.54 1.42 -12.89
N ASP A 12 -3.00 0.30 -13.37
CA ASP A 12 -1.57 0.05 -13.27
C ASP A 12 -0.89 0.19 -14.62
N MET A 13 -1.34 -0.60 -15.59
CA MET A 13 -0.77 -0.56 -16.93
C MET A 13 0.74 -0.74 -16.90
N ASN A 14 1.18 -1.78 -16.20
CA ASN A 14 2.60 -2.07 -16.08
C ASN A 14 3.26 -2.12 -17.45
N LEU A 15 4.53 -1.72 -17.52
CA LEU A 15 5.27 -1.72 -18.77
C LEU A 15 6.71 -1.22 -18.56
N ASN A 16 6.84 0.03 -18.13
CA ASN A 16 8.14 0.62 -17.89
C ASN A 16 8.22 1.21 -16.48
N PHE A 17 8.59 2.48 -16.40
CA PHE A 17 8.70 3.16 -15.11
C PHE A 17 7.34 3.26 -14.42
N GLN A 18 6.29 3.43 -15.22
CA GLN A 18 4.94 3.53 -14.68
C GLN A 18 4.63 2.37 -13.76
N ASN A 19 5.14 1.19 -14.10
CA ASN A 19 4.92 -0.01 -13.30
C ASN A 19 5.37 0.22 -11.86
N LEU A 20 6.63 0.62 -11.69
CA LEU A 20 7.18 0.87 -10.36
C LEU A 20 6.46 2.03 -9.68
N SER A 21 5.83 2.87 -10.48
CA SER A 21 5.10 4.03 -9.95
C SER A 21 3.82 3.59 -9.24
N VAL A 22 2.98 2.86 -9.97
CA VAL A 22 1.72 2.37 -9.42
C VAL A 22 1.94 1.20 -8.46
N MET A 23 2.85 0.31 -8.84
CA MET A 23 3.18 -0.85 -8.02
C MET A 23 3.98 -0.45 -6.80
N GLY A 24 5.02 0.36 -7.02
CA GLY A 24 5.86 0.80 -5.92
C GLY A 24 5.10 1.65 -4.92
N LEU A 25 4.12 2.41 -5.40
CA LEU A 25 3.32 3.27 -4.54
C LEU A 25 2.34 2.45 -3.71
N ARG A 26 1.75 1.43 -4.34
CA ARG A 26 0.79 0.56 -3.67
C ARG A 26 1.50 -0.38 -2.71
N ILE A 27 2.67 -0.88 -3.11
CA ILE A 27 3.44 -1.80 -2.29
C ILE A 27 3.94 -1.11 -1.03
N LEU A 28 4.37 0.14 -1.17
CA LEU A 28 4.87 0.91 -0.04
C LEU A 28 3.73 1.33 0.88
N LEU A 29 2.64 1.80 0.29
CA LEU A 29 1.48 2.23 1.06
C LEU A 29 1.02 1.14 2.02
N LEU A 30 1.01 -0.10 1.54
CA LEU A 30 0.59 -1.24 2.36
C LEU A 30 1.69 -1.61 3.36
N LYS A 31 2.93 -1.33 2.99
CA LYS A 31 4.07 -1.64 3.86
C LYS A 31 4.22 -0.58 4.95
N VAL A 32 3.71 0.62 4.68
CA VAL A 32 3.80 1.71 5.64
C VAL A 32 2.50 1.84 6.44
N ALA A 33 1.40 1.43 5.83
CA ALA A 33 0.10 1.50 6.48
C ALA A 33 -0.26 0.16 7.13
N GLY A 34 0.00 -0.92 6.41
CA GLY A 34 -0.30 -2.25 6.93
C GLY A 34 0.22 -2.45 8.34
N PHE A 35 1.29 -1.74 8.68
CA PHE A 35 1.89 -1.84 10.00
C PHE A 35 2.29 -0.47 10.53
N ASN A 36 1.30 0.41 10.70
CA ASN A 36 1.56 1.76 11.19
C ASN A 36 0.31 2.62 11.07
N LEU A 37 -0.01 3.01 9.85
CA LEU A 37 -1.19 3.84 9.59
C LEU A 37 -2.46 3.14 10.04
N LEU A 38 -2.71 1.95 9.49
CA LEU A 38 -3.89 1.18 9.85
C LEU A 38 -4.00 1.01 11.37
N MET A 39 -2.86 1.00 12.03
CA MET A 39 -2.82 0.84 13.48
C MET A 39 -3.23 2.13 14.17
N THR A 40 -2.67 3.24 13.73
CA THR A 40 -2.98 4.55 14.31
C THR A 40 -4.41 4.96 14.01
N LEU A 41 -4.75 5.03 12.72
CA LEU A 41 -6.10 5.41 12.30
C LEU A 41 -7.15 4.56 13.02
N ARG A 42 -6.80 3.31 13.31
CA ARG A 42 -7.71 2.40 13.99
C ARG A 42 -8.26 3.04 15.26
N LEU A 43 -7.47 3.91 15.87
CA LEU A 43 -7.88 4.59 17.10
C LEU A 43 -8.11 6.08 16.84
N TRP A 44 -7.36 6.64 15.90
CA TRP A 44 -7.50 8.05 15.56
C TRP A 44 -8.34 8.23 14.29
N SER A 45 -9.33 9.11 14.37
CA SER A 45 -10.20 9.37 13.23
C SER A 45 -9.39 9.65 11.98
N SER A 46 -9.82 9.06 10.86
CA SER A 46 -9.12 9.24 9.59
C SER A 46 -7.66 8.86 9.71
N ASP A 1 -24.38 7.48 9.22
CA ASP A 1 -24.19 6.51 8.16
C ASP A 1 -22.98 6.87 7.31
N ALA A 2 -22.09 5.89 7.11
CA ALA A 2 -20.89 6.10 6.32
C ALA A 2 -20.62 4.90 5.41
N THR A 3 -19.47 4.93 4.74
CA THR A 3 -19.09 3.84 3.83
C THR A 3 -17.59 3.88 3.53
N LEU A 4 -16.99 2.71 3.40
CA LEU A 4 -15.56 2.61 3.11
C LEU A 4 -15.33 2.10 1.69
N THR A 5 -14.24 2.54 1.08
CA THR A 5 -13.90 2.12 -0.28
C THR A 5 -12.49 2.55 -0.65
N GLU A 6 -12.05 2.16 -1.85
CA GLU A 6 -10.71 2.50 -2.31
C GLU A 6 -10.70 2.67 -3.82
N LYS A 7 -9.57 3.14 -4.36
CA LYS A 7 -9.42 3.35 -5.79
C LYS A 7 -7.95 3.52 -6.17
N SER A 8 -7.69 3.67 -7.46
CA SER A 8 -6.33 3.84 -7.95
C SER A 8 -6.16 5.17 -8.66
N PHE A 9 -6.79 5.31 -9.82
CA PHE A 9 -6.72 6.55 -10.59
C PHE A 9 -5.29 6.81 -11.04
N GLU A 10 -4.68 5.83 -11.69
CA GLU A 10 -3.31 5.96 -12.17
C GLU A 10 -2.86 4.69 -12.89
N THR A 11 -3.78 4.08 -13.64
CA THR A 11 -3.49 2.87 -14.38
C THR A 11 -4.37 2.76 -15.63
N ASP A 12 -3.74 2.79 -16.80
CA ASP A 12 -4.46 2.69 -18.06
C ASP A 12 -3.86 1.61 -18.94
N MET A 13 -2.57 1.75 -19.25
CA MET A 13 -1.88 0.78 -20.09
C MET A 13 -0.41 1.15 -20.25
N ASN A 14 0.47 0.36 -19.65
CA ASN A 14 1.90 0.61 -19.72
C ASN A 14 2.69 -0.46 -18.98
N LEU A 15 4.01 -0.34 -18.98
CA LEU A 15 4.87 -1.30 -18.30
C LEU A 15 6.27 -0.73 -18.11
N ASN A 16 6.36 0.57 -17.86
CA ASN A 16 7.64 1.23 -17.67
C ASN A 16 7.69 1.94 -16.32
N PHE A 17 8.01 3.23 -16.35
CA PHE A 17 8.09 4.03 -15.12
C PHE A 17 6.81 3.91 -14.31
N GLN A 18 5.67 3.78 -15.01
CA GLN A 18 4.38 3.65 -14.35
C GLN A 18 4.24 2.28 -13.70
N ASN A 19 4.89 1.28 -14.29
CA ASN A 19 4.82 -0.09 -13.77
C ASN A 19 5.39 -0.16 -12.35
N LEU A 20 6.67 0.15 -12.22
CA LEU A 20 7.33 0.12 -10.92
C LEU A 20 6.75 1.19 -9.99
N SER A 21 6.15 2.22 -10.58
CA SER A 21 5.56 3.30 -9.81
C SER A 21 4.25 2.84 -9.15
N VAL A 22 3.33 2.34 -9.97
CA VAL A 22 2.04 1.87 -9.47
C VAL A 22 2.23 0.78 -8.43
N MET A 23 3.05 -0.22 -8.75
CA MET A 23 3.31 -1.33 -7.85
C MET A 23 4.23 -0.89 -6.71
N GLY A 24 5.33 -0.22 -7.05
CA GLY A 24 6.26 0.25 -6.06
C GLY A 24 5.61 1.15 -5.02
N LEU A 25 4.96 2.21 -5.49
CA LEU A 25 4.30 3.16 -4.60
C LEU A 25 3.22 2.47 -3.79
N ARG A 26 2.39 1.68 -4.46
CA ARG A 26 1.30 0.96 -3.81
C ARG A 26 1.84 -0.02 -2.77
N ILE A 27 3.02 -0.57 -3.05
CA ILE A 27 3.65 -1.52 -2.14
C ILE A 27 4.10 -0.84 -0.85
N LEU A 28 4.52 0.41 -0.98
CA LEU A 28 4.98 1.17 0.19
C LEU A 28 3.80 1.60 1.05
N LEU A 29 2.75 2.11 0.40
CA LEU A 29 1.56 2.56 1.11
C LEU A 29 0.99 1.44 1.97
N LEU A 30 0.91 0.23 1.40
CA LEU A 30 0.38 -0.91 2.12
C LEU A 30 1.36 -1.38 3.20
N LYS A 31 2.64 -1.12 2.99
CA LYS A 31 3.67 -1.49 3.94
C LYS A 31 3.69 -0.54 5.14
N VAL A 32 3.35 0.73 4.88
CA VAL A 32 3.32 1.72 5.94
C VAL A 32 1.98 1.75 6.64
N ALA A 33 0.92 1.39 5.91
CA ALA A 33 -0.42 1.37 6.48
C ALA A 33 -0.79 -0.03 6.95
N GLY A 34 0.03 -1.02 6.59
CA GLY A 34 -0.23 -2.39 6.98
C GLY A 34 0.80 -2.92 7.95
N PHE A 35 2.04 -2.46 7.80
CA PHE A 35 3.14 -2.89 8.67
C PHE A 35 3.91 -1.70 9.20
N ASN A 36 3.24 -0.86 9.98
CA ASN A 36 3.87 0.33 10.56
C ASN A 36 2.84 1.18 11.31
N LEU A 37 2.01 1.89 10.55
CA LEU A 37 0.99 2.75 11.15
C LEU A 37 -0.11 1.91 11.79
N LEU A 38 -0.49 0.82 11.13
CA LEU A 38 -1.52 -0.06 11.65
C LEU A 38 -1.20 -0.50 13.08
N MET A 39 0.09 -0.63 13.37
CA MET A 39 0.53 -1.05 14.69
C MET A 39 0.39 0.10 15.70
N THR A 40 0.86 1.27 15.30
CA THR A 40 0.80 2.44 16.16
C THR A 40 -0.65 2.88 16.40
N LEU A 41 -1.36 3.16 15.32
CA LEU A 41 -2.75 3.59 15.41
C LEU A 41 -3.59 2.57 16.20
N ARG A 42 -3.19 1.30 16.11
CA ARG A 42 -3.89 0.25 16.82
C ARG A 42 -4.06 0.59 18.29
N LEU A 43 -3.10 1.34 18.83
CA LEU A 43 -3.13 1.73 20.24
C LEU A 43 -3.35 3.25 20.37
N TRP A 44 -2.87 3.99 19.37
CA TRP A 44 -3.01 5.44 19.38
C TRP A 44 -4.17 5.88 18.49
N SER A 45 -5.04 6.72 19.03
CA SER A 45 -6.20 7.22 18.28
C SER A 45 -5.77 7.77 16.93
N SER A 46 -6.52 7.42 15.89
CA SER A 46 -6.21 7.88 14.54
C SER A 46 -4.76 7.60 14.19
N ASP A 1 -19.67 4.15 7.74
CA ASP A 1 -19.35 4.49 6.36
C ASP A 1 -18.30 5.59 6.28
N ALA A 2 -17.16 5.28 5.66
CA ALA A 2 -16.09 6.25 5.52
C ALA A 2 -15.14 5.86 4.40
N THR A 3 -14.06 6.62 4.24
CA THR A 3 -13.07 6.36 3.21
C THR A 3 -12.51 4.94 3.32
N LEU A 4 -12.35 4.29 2.18
CA LEU A 4 -11.82 2.93 2.16
C LEU A 4 -11.42 2.52 0.74
N THR A 5 -12.39 2.54 -0.17
CA THR A 5 -12.14 2.17 -1.55
C THR A 5 -11.01 3.00 -2.14
N GLU A 6 -10.45 2.53 -3.25
CA GLU A 6 -9.36 3.24 -3.92
C GLU A 6 -9.89 4.09 -5.08
N LYS A 7 -10.68 3.46 -5.95
CA LYS A 7 -11.25 4.15 -7.11
C LYS A 7 -10.16 4.66 -8.04
N SER A 8 -9.94 3.93 -9.14
CA SER A 8 -8.92 4.30 -10.10
C SER A 8 -9.55 4.84 -11.38
N PHE A 9 -8.72 5.09 -12.38
CA PHE A 9 -9.20 5.61 -13.65
C PHE A 9 -8.05 5.74 -14.66
N GLU A 10 -7.03 6.50 -14.27
CA GLU A 10 -5.87 6.71 -15.14
C GLU A 10 -4.92 5.51 -15.08
N THR A 11 -5.28 4.45 -15.80
CA THR A 11 -4.48 3.24 -15.84
C THR A 11 -3.68 3.15 -17.15
N ASP A 12 -2.44 3.62 -17.11
CA ASP A 12 -1.58 3.57 -18.29
C ASP A 12 -1.45 2.15 -18.83
N MET A 13 -1.42 1.19 -17.91
CA MET A 13 -1.30 -0.22 -18.30
C MET A 13 -0.03 -0.45 -19.11
N ASN A 14 1.08 0.12 -18.64
CA ASN A 14 2.36 -0.04 -19.33
C ASN A 14 3.24 -1.05 -18.62
N LEU A 15 4.51 -1.12 -19.03
CA LEU A 15 5.46 -2.06 -18.43
C LEU A 15 6.82 -1.40 -18.25
N ASN A 16 6.82 -0.12 -17.93
CA ASN A 16 8.06 0.62 -17.72
C ASN A 16 8.07 1.29 -16.35
N PHE A 17 8.30 2.60 -16.34
CA PHE A 17 8.33 3.36 -15.10
C PHE A 17 6.97 3.34 -14.41
N GLN A 18 5.91 3.37 -15.21
CA GLN A 18 4.55 3.36 -14.69
C GLN A 18 4.34 2.17 -13.76
N ASN A 19 4.86 1.01 -14.15
CA ASN A 19 4.73 -0.20 -13.35
C ASN A 19 5.30 0.01 -11.95
N LEU A 20 6.57 0.36 -11.87
CA LEU A 20 7.23 0.59 -10.60
C LEU A 20 6.63 1.80 -9.88
N SER A 21 5.99 2.67 -10.65
CA SER A 21 5.36 3.87 -10.09
C SER A 21 4.09 3.51 -9.33
N VAL A 22 3.17 2.84 -10.02
CA VAL A 22 1.91 2.43 -9.42
C VAL A 22 2.11 1.29 -8.44
N MET A 23 2.98 0.35 -8.80
CA MET A 23 3.26 -0.80 -7.95
C MET A 23 4.16 -0.40 -6.78
N GLY A 24 5.16 0.42 -7.06
CA GLY A 24 6.08 0.86 -6.02
C GLY A 24 5.38 1.68 -4.94
N LEU A 25 4.54 2.61 -5.36
CA LEU A 25 3.82 3.46 -4.43
C LEU A 25 2.74 2.67 -3.70
N ARG A 26 2.17 1.69 -4.38
CA ARG A 26 1.13 0.86 -3.79
C ARG A 26 1.72 -0.14 -2.79
N ILE A 27 2.88 -0.68 -3.13
CA ILE A 27 3.55 -1.64 -2.25
C ILE A 27 4.02 -0.98 -0.97
N LEU A 28 4.46 0.27 -1.08
CA LEU A 28 4.95 1.03 0.07
C LEU A 28 3.79 1.42 0.98
N LEU A 29 2.70 1.90 0.38
CA LEU A 29 1.52 2.30 1.14
C LEU A 29 1.01 1.17 2.01
N LEU A 30 0.95 -0.03 1.45
CA LEU A 30 0.49 -1.20 2.18
C LEU A 30 1.52 -1.63 3.23
N LYS A 31 2.78 -1.32 2.97
CA LYS A 31 3.86 -1.68 3.89
C LYS A 31 3.91 -0.70 5.07
N VAL A 32 3.55 0.55 4.81
CA VAL A 32 3.55 1.58 5.84
C VAL A 32 2.22 1.60 6.59
N ALA A 33 1.15 1.26 5.89
CA ALA A 33 -0.18 1.24 6.48
C ALA A 33 -0.56 -0.16 6.93
N GLY A 34 0.26 -1.14 6.57
CA GLY A 34 0.01 -2.51 6.95
C GLY A 34 1.09 -3.09 7.83
N PHE A 35 2.31 -2.58 7.68
CA PHE A 35 3.44 -3.05 8.46
C PHE A 35 4.31 -1.88 8.94
N ASN A 36 3.72 -1.02 9.77
CA ASN A 36 4.43 0.13 10.29
C ASN A 36 3.50 1.02 11.11
N LEU A 37 2.51 1.61 10.43
CA LEU A 37 1.55 2.50 11.10
C LEU A 37 0.52 1.68 11.88
N LEU A 38 0.22 0.49 11.38
CA LEU A 38 -0.74 -0.39 12.03
C LEU A 38 -0.41 -0.57 13.51
N MET A 39 0.89 -0.53 13.81
CA MET A 39 1.35 -0.69 15.19
C MET A 39 0.98 0.53 16.03
N THR A 40 1.24 1.71 15.50
CA THR A 40 0.93 2.96 16.20
C THR A 40 -0.56 3.21 16.23
N LEU A 41 -1.17 3.27 15.05
CA LEU A 41 -2.60 3.52 14.94
C LEU A 41 -3.40 2.52 15.78
N ARG A 42 -2.83 1.34 15.98
CA ARG A 42 -3.47 0.30 16.77
C ARG A 42 -3.95 0.85 18.11
N LEU A 43 -3.22 1.83 18.64
CA LEU A 43 -3.58 2.43 19.92
C LEU A 43 -3.96 3.90 19.73
N TRP A 44 -3.42 4.51 18.68
CA TRP A 44 -3.69 5.92 18.39
C TRP A 44 -4.73 6.05 17.28
N SER A 45 -5.75 6.87 17.54
CA SER A 45 -6.82 7.07 16.57
C SER A 45 -6.26 7.48 15.21
N SER A 46 -6.78 6.86 14.15
CA SER A 46 -6.33 7.15 12.81
C SER A 46 -4.81 7.02 12.70
N ASP A 1 -18.37 10.51 7.48
CA ASP A 1 -17.60 9.37 7.96
C ASP A 1 -17.47 8.30 6.88
N ALA A 2 -16.34 7.63 6.84
CA ALA A 2 -16.09 6.58 5.86
C ALA A 2 -14.91 5.70 6.27
N THR A 3 -14.70 4.63 5.51
CA THR A 3 -13.61 3.70 5.79
C THR A 3 -13.21 2.92 4.55
N LEU A 4 -12.58 3.60 3.61
CA LEU A 4 -12.15 2.97 2.36
C LEU A 4 -11.24 3.89 1.57
N THR A 5 -11.82 4.98 1.05
CA THR A 5 -11.05 5.94 0.27
C THR A 5 -10.33 5.27 -0.90
N GLU A 6 -11.02 5.16 -2.03
CA GLU A 6 -10.45 4.53 -3.22
C GLU A 6 -10.89 5.26 -4.49
N LYS A 7 -10.01 5.26 -5.49
CA LYS A 7 -10.31 5.93 -6.75
C LYS A 7 -9.62 5.21 -7.91
N SER A 8 -8.30 5.13 -7.86
CA SER A 8 -7.53 4.47 -8.91
C SER A 8 -7.01 3.11 -8.43
N PHE A 9 -6.36 2.39 -9.33
CA PHE A 9 -5.82 1.07 -9.00
C PHE A 9 -5.00 0.52 -10.17
N GLU A 10 -5.50 0.73 -11.38
CA GLU A 10 -4.82 0.25 -12.58
C GLU A 10 -5.59 0.64 -13.83
N THR A 11 -5.13 1.69 -14.50
CA THR A 11 -5.78 2.17 -15.72
C THR A 11 -5.97 1.04 -16.72
N ASP A 12 -4.87 0.47 -17.19
CA ASP A 12 -4.91 -0.63 -18.15
C ASP A 12 -4.11 -1.82 -17.66
N MET A 13 -2.81 -1.60 -17.43
CA MET A 13 -1.92 -2.66 -16.95
C MET A 13 -0.57 -2.09 -16.56
N ASN A 14 0.24 -1.74 -17.56
CA ASN A 14 1.56 -1.20 -17.32
C ASN A 14 2.27 -0.88 -18.64
N LEU A 15 3.49 -0.35 -18.54
CA LEU A 15 4.27 0.00 -19.72
C LEU A 15 5.75 0.14 -19.37
N ASN A 16 6.09 1.24 -18.69
CA ASN A 16 7.47 1.49 -18.29
C ASN A 16 7.56 1.81 -16.80
N PHE A 17 8.18 2.95 -16.49
CA PHE A 17 8.32 3.38 -15.11
C PHE A 17 6.98 3.35 -14.38
N GLN A 18 5.91 3.64 -15.11
CA GLN A 18 4.57 3.64 -14.53
C GLN A 18 4.31 2.34 -13.76
N ASN A 19 4.88 1.24 -14.25
CA ASN A 19 4.71 -0.06 -13.62
C ASN A 19 5.38 -0.09 -12.25
N LEU A 20 6.62 0.39 -12.20
CA LEU A 20 7.38 0.42 -10.95
C LEU A 20 6.76 1.39 -9.96
N SER A 21 6.13 2.44 -10.48
CA SER A 21 5.50 3.44 -9.64
C SER A 21 4.19 2.91 -9.04
N VAL A 22 3.31 2.41 -9.90
CA VAL A 22 2.04 1.85 -9.46
C VAL A 22 2.24 0.78 -8.40
N MET A 23 3.08 -0.19 -8.71
CA MET A 23 3.37 -1.28 -7.77
C MET A 23 4.28 -0.82 -6.64
N GLY A 24 5.35 -0.13 -7.00
CA GLY A 24 6.29 0.36 -6.00
C GLY A 24 5.61 1.23 -4.96
N LEU A 25 4.93 2.27 -5.40
CA LEU A 25 4.22 3.18 -4.50
C LEU A 25 3.16 2.44 -3.71
N ARG A 26 2.34 1.66 -4.40
CA ARG A 26 1.28 0.90 -3.76
C ARG A 26 1.85 -0.07 -2.73
N ILE A 27 3.03 -0.60 -3.01
CA ILE A 27 3.68 -1.53 -2.10
C ILE A 27 4.11 -0.84 -0.80
N LEU A 28 4.52 0.43 -0.92
CA LEU A 28 4.95 1.20 0.23
C LEU A 28 3.76 1.59 1.10
N LEU A 29 2.70 2.07 0.45
CA LEU A 29 1.50 2.49 1.16
C LEU A 29 0.95 1.34 2.02
N LEU A 30 0.90 0.15 1.44
CA LEU A 30 0.40 -1.02 2.15
C LEU A 30 1.38 -1.46 3.23
N LYS A 31 2.66 -1.15 3.03
CA LYS A 31 3.70 -1.52 4.00
C LYS A 31 3.69 -0.55 5.18
N VAL A 32 3.34 0.70 4.92
CA VAL A 32 3.29 1.72 5.97
C VAL A 32 1.93 1.74 6.65
N ALA A 33 0.89 1.41 5.90
CA ALA A 33 -0.48 1.39 6.43
C ALA A 33 -0.87 -0.02 6.84
N GLY A 34 -0.03 -0.99 6.50
CA GLY A 34 -0.32 -2.38 6.85
C GLY A 34 0.69 -2.95 7.82
N PHE A 35 1.91 -2.41 7.80
CA PHE A 35 2.97 -2.88 8.68
C PHE A 35 3.76 -1.71 9.24
N ASN A 36 3.09 -0.87 10.02
CA ASN A 36 3.73 0.30 10.62
C ASN A 36 2.71 1.19 11.32
N LEU A 37 1.83 1.80 10.53
CA LEU A 37 0.80 2.68 11.07
C LEU A 37 -0.30 1.87 11.75
N LEU A 38 -0.56 0.68 11.23
CA LEU A 38 -1.59 -0.20 11.78
C LEU A 38 -1.41 -0.38 13.29
N MET A 39 -0.15 -0.32 13.74
CA MET A 39 0.16 -0.46 15.15
C MET A 39 -0.30 0.76 15.94
N THR A 40 0.02 1.95 15.43
CA THR A 40 -0.36 3.19 16.08
C THR A 40 -1.85 3.45 15.94
N LEU A 41 -2.33 3.50 14.71
CA LEU A 41 -3.74 3.75 14.44
C LEU A 41 -4.62 2.76 15.21
N ARG A 42 -4.08 1.58 15.47
CA ARG A 42 -4.82 0.55 16.19
C ARG A 42 -5.39 1.11 17.49
N LEU A 43 -4.68 2.06 18.08
CA LEU A 43 -5.13 2.69 19.33
C LEU A 43 -5.46 4.15 19.12
N TRP A 44 -4.83 4.76 18.12
CA TRP A 44 -5.07 6.16 17.80
C TRP A 44 -6.03 6.31 16.63
N SER A 45 -7.05 7.13 16.80
CA SER A 45 -8.04 7.36 15.75
C SER A 45 -7.37 7.80 14.46
N SER A 46 -7.86 7.27 13.35
CA SER A 46 -7.30 7.61 12.04
C SER A 46 -8.04 6.86 10.92
N ASP A 1 7.81 -18.36 22.00
CA ASP A 1 7.30 -18.17 20.63
C ASP A 1 5.88 -18.72 20.50
N ALA A 2 5.09 -18.09 19.64
CA ALA A 2 3.72 -18.51 19.42
C ALA A 2 3.39 -18.55 17.93
N THR A 3 3.36 -17.39 17.30
CA THR A 3 3.05 -17.30 15.87
C THR A 3 3.28 -15.89 15.35
N LEU A 4 3.05 -15.70 14.05
CA LEU A 4 3.23 -14.40 13.43
C LEU A 4 2.35 -14.25 12.20
N THR A 5 2.27 -13.03 11.68
CA THR A 5 1.46 -12.76 10.49
C THR A 5 2.03 -13.46 9.26
N GLU A 6 1.15 -13.81 8.32
CA GLU A 6 1.57 -14.48 7.11
C GLU A 6 0.53 -14.31 6.00
N LYS A 7 0.92 -13.65 4.92
CA LYS A 7 0.03 -13.41 3.79
C LYS A 7 0.81 -13.32 2.48
N SER A 8 0.10 -13.38 1.36
CA SER A 8 0.72 -13.30 0.05
C SER A 8 1.72 -14.44 -0.14
N PHE A 9 2.41 -14.42 -1.28
CA PHE A 9 3.40 -15.46 -1.58
C PHE A 9 4.45 -14.94 -2.56
N GLU A 10 4.01 -14.66 -3.79
CA GLU A 10 4.90 -14.15 -4.82
C GLU A 10 4.12 -13.50 -5.96
N THR A 11 3.98 -12.18 -5.89
CA THR A 11 3.25 -11.45 -6.91
C THR A 11 3.51 -9.94 -6.80
N ASP A 12 4.04 -9.36 -7.87
CA ASP A 12 4.34 -7.93 -7.89
C ASP A 12 3.91 -7.31 -9.23
N MET A 13 4.30 -7.96 -10.32
CA MET A 13 3.96 -7.47 -11.65
C MET A 13 4.59 -6.10 -11.90
N ASN A 14 5.72 -6.09 -12.60
CA ASN A 14 6.42 -4.85 -12.90
C ASN A 14 6.79 -4.79 -14.38
N LEU A 15 7.11 -3.59 -14.86
CA LEU A 15 7.49 -3.39 -16.26
C LEU A 15 8.59 -2.35 -16.38
N ASN A 16 8.22 -1.08 -16.24
CA ASN A 16 9.18 0.02 -16.33
C ASN A 16 8.93 1.05 -15.25
N PHE A 17 8.79 2.31 -15.66
CA PHE A 17 8.55 3.40 -14.73
C PHE A 17 7.08 3.43 -14.29
N GLN A 18 6.18 3.45 -15.28
CA GLN A 18 4.76 3.49 -15.00
C GLN A 18 4.36 2.38 -14.03
N ASN A 19 4.80 1.16 -14.32
CA ASN A 19 4.50 0.01 -13.47
C ASN A 19 5.00 0.24 -12.04
N LEU A 20 6.27 0.62 -11.93
CA LEU A 20 6.88 0.86 -10.63
C LEU A 20 6.22 2.04 -9.93
N SER A 21 5.55 2.89 -10.71
CA SER A 21 4.88 4.05 -10.16
C SER A 21 3.62 3.65 -9.41
N VAL A 22 2.73 2.93 -10.09
CA VAL A 22 1.48 2.48 -9.49
C VAL A 22 1.73 1.31 -8.54
N MET A 23 2.62 0.41 -8.93
CA MET A 23 2.94 -0.75 -8.12
C MET A 23 3.81 -0.35 -6.93
N GLY A 24 4.86 0.43 -7.20
CA GLY A 24 5.75 0.86 -6.14
C GLY A 24 5.04 1.73 -5.11
N LEU A 25 4.03 2.48 -5.56
CA LEU A 25 3.28 3.35 -4.68
C LEU A 25 2.30 2.56 -3.83
N ARG A 26 1.69 1.55 -4.43
CA ARG A 26 0.73 0.70 -3.72
C ARG A 26 1.44 -0.26 -2.79
N ILE A 27 2.55 -0.81 -3.23
CA ILE A 27 3.33 -1.74 -2.43
C ILE A 27 3.94 -1.05 -1.21
N LEU A 28 4.44 0.16 -1.43
CA LEU A 28 5.05 0.93 -0.35
C LEU A 28 4.01 1.38 0.67
N LEU A 29 2.89 1.88 0.16
CA LEU A 29 1.81 2.34 1.03
C LEU A 29 1.40 1.25 2.01
N LEU A 30 1.22 0.03 1.50
CA LEU A 30 0.83 -1.10 2.33
C LEU A 30 1.95 -1.49 3.29
N LYS A 31 3.19 -1.19 2.90
CA LYS A 31 4.35 -1.51 3.72
C LYS A 31 4.42 -0.58 4.93
N VAL A 32 3.82 0.59 4.80
CA VAL A 32 3.81 1.57 5.89
C VAL A 32 2.47 1.60 6.60
N ALA A 33 1.44 1.11 5.91
CA ALA A 33 0.10 1.08 6.49
C ALA A 33 0.09 0.33 7.81
N GLY A 34 1.07 -0.53 8.02
CA GLY A 34 1.16 -1.30 9.24
C GLY A 34 1.60 -2.72 9.00
N PHE A 35 1.54 -3.16 7.75
CA PHE A 35 1.94 -4.53 7.39
C PHE A 35 3.40 -4.57 6.97
N ASN A 36 4.28 -4.11 7.85
CA ASN A 36 5.71 -4.09 7.57
C ASN A 36 6.45 -3.18 8.55
N LEU A 37 6.10 -1.90 8.53
CA LEU A 37 6.74 -0.93 9.41
C LEU A 37 6.57 -1.33 10.87
N LEU A 38 5.38 -1.80 11.21
CA LEU A 38 5.08 -2.22 12.58
C LEU A 38 6.12 -3.23 13.07
N MET A 39 6.70 -3.97 12.14
CA MET A 39 7.71 -4.97 12.48
C MET A 39 8.84 -4.33 13.28
N THR A 40 9.19 -3.10 12.95
CA THR A 40 10.26 -2.39 13.63
C THR A 40 10.04 -2.39 15.15
N LEU A 41 8.89 -1.88 15.57
CA LEU A 41 8.55 -1.83 16.99
C LEU A 41 8.32 -3.23 17.54
N ARG A 42 7.83 -4.12 16.70
CA ARG A 42 7.56 -5.50 17.10
C ARG A 42 8.77 -6.10 17.80
N LEU A 43 9.96 -5.68 17.39
CA LEU A 43 11.20 -6.18 17.99
C LEU A 43 11.92 -5.07 18.75
N TRP A 44 11.70 -3.83 18.33
CA TRP A 44 12.33 -2.68 18.98
C TRP A 44 11.37 -2.01 19.94
N SER A 45 11.82 -1.77 21.17
CA SER A 45 10.99 -1.12 22.18
C SER A 45 10.38 0.18 21.64
N SER A 46 9.09 0.36 21.90
CA SER A 46 8.38 1.56 21.44
C SER A 46 8.57 1.75 19.94
N ASP A 1 -20.55 -1.25 7.36
CA ASP A 1 -21.77 -0.57 6.93
C ASP A 1 -21.44 0.79 6.33
N ALA A 2 -20.72 1.61 7.09
CA ALA A 2 -20.35 2.94 6.63
C ALA A 2 -19.06 2.90 5.83
N THR A 3 -19.14 3.28 4.55
CA THR A 3 -17.98 3.29 3.67
C THR A 3 -16.82 4.06 4.29
N LEU A 4 -15.60 3.74 3.87
CA LEU A 4 -14.42 4.41 4.38
C LEU A 4 -13.74 5.24 3.29
N THR A 5 -14.56 5.84 2.43
CA THR A 5 -14.04 6.65 1.34
C THR A 5 -13.03 5.89 0.50
N GLU A 6 -13.54 5.11 -0.46
CA GLU A 6 -12.67 4.32 -1.33
C GLU A 6 -12.49 5.01 -2.68
N LYS A 7 -11.28 4.94 -3.22
CA LYS A 7 -10.96 5.55 -4.50
C LYS A 7 -10.84 4.49 -5.60
N SER A 8 -9.74 3.75 -5.58
CA SER A 8 -9.51 2.71 -6.57
C SER A 8 -9.68 3.26 -7.98
N PHE A 9 -8.59 3.80 -8.53
CA PHE A 9 -8.62 4.36 -9.88
C PHE A 9 -7.23 4.84 -10.30
N GLU A 10 -6.22 4.04 -9.96
CA GLU A 10 -4.84 4.39 -10.29
C GLU A 10 -4.04 3.15 -10.70
N THR A 11 -4.71 2.23 -11.39
CA THR A 11 -4.07 0.99 -11.83
C THR A 11 -4.51 0.62 -13.24
N ASP A 12 -3.99 1.33 -14.23
CA ASP A 12 -4.33 1.07 -15.63
C ASP A 12 -3.11 1.26 -16.53
N MET A 13 -1.94 0.88 -16.02
CA MET A 13 -0.70 1.00 -16.78
C MET A 13 0.48 0.43 -16.00
N ASN A 14 1.07 -0.63 -16.51
CA ASN A 14 2.21 -1.28 -15.86
C ASN A 14 3.12 -1.93 -16.90
N LEU A 15 4.32 -1.39 -17.04
CA LEU A 15 5.30 -1.92 -17.99
C LEU A 15 6.69 -1.38 -17.70
N ASN A 16 6.82 -0.06 -17.61
CA ASN A 16 8.09 0.57 -17.33
C ASN A 16 8.01 1.45 -16.08
N PHE A 17 8.38 2.71 -16.21
CA PHE A 17 8.35 3.64 -15.10
C PHE A 17 6.99 3.62 -14.40
N GLN A 18 5.94 3.44 -15.20
CA GLN A 18 4.58 3.39 -14.67
C GLN A 18 4.39 2.19 -13.76
N ASN A 19 4.95 1.05 -14.16
CA ASN A 19 4.85 -0.18 -13.38
C ASN A 19 5.33 0.03 -11.95
N LEU A 20 6.62 0.36 -11.82
CA LEU A 20 7.21 0.59 -10.50
C LEU A 20 6.58 1.80 -9.83
N SER A 21 5.97 2.67 -10.63
CA SER A 21 5.32 3.87 -10.09
C SER A 21 4.04 3.51 -9.36
N VAL A 22 3.14 2.82 -10.06
CA VAL A 22 1.86 2.42 -9.48
C VAL A 22 2.06 1.26 -8.51
N MET A 23 2.91 0.32 -8.88
CA MET A 23 3.18 -0.85 -8.06
C MET A 23 4.04 -0.47 -6.84
N GLY A 24 5.10 0.28 -7.08
CA GLY A 24 5.98 0.70 -6.01
C GLY A 24 5.27 1.58 -4.99
N LEU A 25 4.35 2.40 -5.48
CA LEU A 25 3.60 3.31 -4.61
C LEU A 25 2.58 2.54 -3.78
N ARG A 26 1.95 1.54 -4.39
CA ARG A 26 0.95 0.73 -3.72
C ARG A 26 1.61 -0.24 -2.76
N ILE A 27 2.76 -0.77 -3.14
CA ILE A 27 3.50 -1.72 -2.32
C ILE A 27 4.02 -1.06 -1.05
N LEU A 28 4.51 0.17 -1.19
CA LEU A 28 5.04 0.93 -0.06
C LEU A 28 3.92 1.38 0.86
N LEU A 29 2.86 1.91 0.27
CA LEU A 29 1.72 2.38 1.05
C LEU A 29 1.20 1.30 1.99
N LEU A 30 1.11 0.08 1.46
CA LEU A 30 0.63 -1.06 2.26
C LEU A 30 1.68 -1.50 3.27
N LYS A 31 2.94 -1.23 2.95
CA LYS A 31 4.05 -1.59 3.83
C LYS A 31 4.10 -0.67 5.05
N VAL A 32 3.55 0.52 4.90
CA VAL A 32 3.53 1.49 5.99
C VAL A 32 2.16 1.53 6.67
N ALA A 33 1.10 1.40 5.88
CA ALA A 33 -0.26 1.42 6.40
C ALA A 33 -0.40 0.46 7.58
N GLY A 34 0.37 -0.63 7.55
CA GLY A 34 0.31 -1.59 8.63
C GLY A 34 1.33 -1.32 9.72
N PHE A 35 2.31 -0.47 9.41
CA PHE A 35 3.36 -0.13 10.36
C PHE A 35 2.87 0.92 11.35
N ASN A 36 1.79 0.59 12.06
CA ASN A 36 1.22 1.51 13.04
C ASN A 36 0.73 2.79 12.38
N LEU A 37 0.65 2.77 11.05
CA LEU A 37 0.21 3.93 10.29
C LEU A 37 -1.31 4.02 10.29
N LEU A 38 -1.97 3.00 9.76
CA LEU A 38 -3.42 2.96 9.70
C LEU A 38 -4.03 3.21 11.08
N MET A 39 -3.29 2.86 12.12
CA MET A 39 -3.74 3.05 13.49
C MET A 39 -4.15 4.50 13.73
N THR A 40 -3.36 5.42 13.19
CA THR A 40 -3.64 6.85 13.34
C THR A 40 -5.00 7.21 12.78
N LEU A 41 -5.21 6.89 11.51
CA LEU A 41 -6.48 7.19 10.84
C LEU A 41 -7.63 6.44 11.50
N ARG A 42 -7.32 5.27 12.05
CA ARG A 42 -8.33 4.45 12.72
C ARG A 42 -9.12 5.28 13.72
N LEU A 43 -8.46 6.27 14.33
CA LEU A 43 -9.11 7.12 15.31
C LEU A 43 -9.21 8.55 14.79
N TRP A 44 -8.29 8.93 13.90
CA TRP A 44 -8.28 10.28 13.33
C TRP A 44 -8.91 10.27 11.94
N SER A 45 -9.83 11.19 11.71
CA SER A 45 -10.51 11.30 10.43
C SER A 45 -9.51 11.36 9.28
N SER A 46 -9.84 10.72 8.17
CA SER A 46 -8.96 10.70 7.01
C SER A 46 -8.86 12.09 6.38
N ASP A 1 -7.54 -7.74 9.70
CA ASP A 1 -7.96 -8.45 8.50
C ASP A 1 -9.46 -8.25 8.25
N ALA A 2 -9.78 -7.52 7.19
CA ALA A 2 -11.17 -7.27 6.84
C ALA A 2 -11.48 -7.75 5.43
N THR A 3 -10.65 -7.34 4.47
CA THR A 3 -10.84 -7.74 3.07
C THR A 3 -9.52 -8.18 2.46
N LEU A 4 -8.71 -8.89 3.23
CA LEU A 4 -7.42 -9.38 2.75
C LEU A 4 -7.46 -10.88 2.51
N THR A 5 -7.83 -11.27 1.29
CA THR A 5 -7.92 -12.68 0.93
C THR A 5 -6.53 -13.32 0.89
N GLU A 6 -5.58 -12.63 0.26
CA GLU A 6 -4.22 -13.13 0.16
C GLU A 6 -3.26 -12.02 -0.27
N LYS A 7 -3.70 -11.20 -1.21
CA LYS A 7 -2.89 -10.09 -1.70
C LYS A 7 -1.60 -10.60 -2.34
N SER A 8 -0.75 -9.69 -2.78
CA SER A 8 0.50 -10.04 -3.42
C SER A 8 1.52 -8.91 -3.29
N PHE A 9 2.80 -9.27 -3.17
CA PHE A 9 3.86 -8.28 -3.04
C PHE A 9 5.15 -8.79 -3.70
N GLU A 10 4.99 -9.44 -4.85
CA GLU A 10 6.14 -9.96 -5.58
C GLU A 10 6.18 -9.40 -7.00
N THR A 11 5.01 -9.20 -7.60
CA THR A 11 4.92 -8.67 -8.95
C THR A 11 5.53 -9.63 -9.96
N ASP A 12 4.74 -10.02 -10.96
CA ASP A 12 5.22 -10.93 -11.99
C ASP A 12 6.22 -10.25 -12.90
N MET A 13 5.79 -9.17 -13.55
CA MET A 13 6.66 -8.42 -14.45
C MET A 13 6.35 -6.92 -14.39
N ASN A 14 6.77 -6.20 -15.42
CA ASN A 14 6.53 -4.76 -15.49
C ASN A 14 6.91 -4.20 -16.85
N LEU A 15 6.35 -3.05 -17.21
CA LEU A 15 6.63 -2.41 -18.48
C LEU A 15 7.81 -1.45 -18.37
N ASN A 16 7.56 -0.29 -17.77
CA ASN A 16 8.60 0.72 -17.60
C ASN A 16 8.54 1.33 -16.21
N PHE A 17 8.49 2.66 -16.14
CA PHE A 17 8.43 3.36 -14.87
C PHE A 17 7.01 3.33 -14.30
N GLN A 18 6.02 3.41 -15.18
CA GLN A 18 4.62 3.38 -14.77
C GLN A 18 4.34 2.20 -13.85
N ASN A 19 5.00 1.08 -14.13
CA ASN A 19 4.82 -0.14 -13.33
C ASN A 19 5.30 0.09 -11.90
N LEU A 20 6.56 0.47 -11.76
CA LEU A 20 7.14 0.72 -10.45
C LEU A 20 6.47 1.90 -9.76
N SER A 21 5.84 2.76 -10.55
CA SER A 21 5.16 3.94 -10.03
C SER A 21 3.87 3.54 -9.31
N VAL A 22 3.00 2.83 -10.02
CA VAL A 22 1.73 2.38 -9.46
C VAL A 22 1.94 1.22 -8.49
N MET A 23 2.83 0.30 -8.86
CA MET A 23 3.13 -0.85 -8.02
C MET A 23 3.96 -0.45 -6.80
N GLY A 24 5.02 0.32 -7.05
CA GLY A 24 5.89 0.75 -5.97
C GLY A 24 5.15 1.63 -4.96
N LEU A 25 4.18 2.39 -5.44
CA LEU A 25 3.40 3.28 -4.58
C LEU A 25 2.39 2.49 -3.76
N ARG A 26 1.78 1.49 -4.39
CA ARG A 26 0.80 0.65 -3.70
C ARG A 26 1.47 -0.32 -2.74
N ILE A 27 2.64 -0.82 -3.13
CA ILE A 27 3.39 -1.76 -2.31
C ILE A 27 3.94 -1.07 -1.06
N LEU A 28 4.41 0.16 -1.23
CA LEU A 28 4.96 0.93 -0.12
C LEU A 28 3.86 1.37 0.83
N LEU A 29 2.77 1.89 0.28
CA LEU A 29 1.64 2.35 1.08
C LEU A 29 1.15 1.24 2.01
N LEU A 30 1.02 0.04 1.47
CA LEU A 30 0.56 -1.11 2.26
C LEU A 30 1.62 -1.54 3.26
N LYS A 31 2.88 -1.27 2.94
CA LYS A 31 3.99 -1.63 3.82
C LYS A 31 4.11 -0.64 4.97
N VAL A 32 3.76 0.61 4.71
CA VAL A 32 3.83 1.65 5.74
C VAL A 32 2.53 1.72 6.53
N ALA A 33 1.42 1.40 5.87
CA ALA A 33 0.11 1.42 6.53
C ALA A 33 -0.28 0.03 7.02
N GLY A 34 0.50 -0.97 6.63
CA GLY A 34 0.23 -2.33 7.05
C GLY A 34 1.30 -2.90 7.96
N PHE A 35 2.51 -2.38 7.82
CA PHE A 35 3.64 -2.84 8.64
C PHE A 35 4.50 -1.66 9.09
N ASN A 36 3.92 -0.78 9.88
CA ASN A 36 4.63 0.39 10.37
C ASN A 36 3.69 1.33 11.13
N LEU A 37 2.75 1.93 10.41
CA LEU A 37 1.78 2.84 11.00
C LEU A 37 0.72 2.08 11.78
N LEU A 38 0.40 0.88 11.31
CA LEU A 38 -0.61 0.05 11.97
C LEU A 38 -0.31 -0.09 13.46
N MET A 39 0.96 -0.06 13.81
CA MET A 39 1.38 -0.17 15.20
C MET A 39 1.04 1.10 15.98
N THR A 40 1.36 2.24 15.40
CA THR A 40 1.09 3.52 16.04
C THR A 40 -0.40 3.84 16.04
N LEU A 41 -1.00 3.86 14.85
CA LEU A 41 -2.43 4.14 14.71
C LEU A 41 -3.25 3.20 15.59
N ARG A 42 -2.72 2.00 15.82
CA ARG A 42 -3.41 1.01 16.64
C ARG A 42 -3.86 1.62 17.96
N LEU A 43 -3.10 2.58 18.47
CA LEU A 43 -3.42 3.25 19.72
C LEU A 43 -3.75 4.72 19.49
N TRP A 44 -3.20 5.28 18.43
CA TRP A 44 -3.43 6.68 18.10
C TRP A 44 -4.48 6.81 17.00
N SER A 45 -5.47 7.66 17.21
CA SER A 45 -6.54 7.87 16.24
C SER A 45 -5.96 8.19 14.87
N SER A 46 -6.62 7.71 13.82
CA SER A 46 -6.18 7.95 12.45
C SER A 46 -6.00 9.44 12.19
N ASP A 1 -18.82 11.07 3.50
CA ASP A 1 -19.08 9.79 4.13
C ASP A 1 -18.54 8.64 3.29
N ALA A 2 -17.36 8.15 3.66
CA ALA A 2 -16.72 7.05 2.95
C ALA A 2 -16.70 5.79 3.79
N THR A 3 -16.19 4.71 3.22
CA THR A 3 -16.11 3.43 3.92
C THR A 3 -14.68 2.92 3.96
N LEU A 4 -13.93 3.15 2.89
CA LEU A 4 -12.54 2.71 2.81
C LEU A 4 -12.45 1.19 2.89
N THR A 5 -11.22 0.68 2.88
CA THR A 5 -10.99 -0.76 2.93
C THR A 5 -11.66 -1.49 1.78
N GLU A 6 -11.47 -2.80 1.71
CA GLU A 6 -12.07 -3.60 0.66
C GLU A 6 -11.53 -3.19 -0.71
N LYS A 7 -10.20 -3.13 -0.81
CA LYS A 7 -9.55 -2.75 -2.06
C LYS A 7 -9.28 -3.97 -2.93
N SER A 8 -8.88 -3.73 -4.18
CA SER A 8 -8.59 -4.82 -5.11
C SER A 8 -7.19 -4.66 -5.70
N PHE A 9 -7.05 -3.72 -6.63
CA PHE A 9 -5.77 -3.46 -7.27
C PHE A 9 -5.74 -2.07 -7.89
N GLU A 10 -6.84 -1.70 -8.55
CA GLU A 10 -6.93 -0.39 -9.19
C GLU A 10 -5.71 -0.12 -10.07
N THR A 11 -5.18 -1.18 -10.68
CA THR A 11 -4.02 -1.06 -11.55
C THR A 11 -4.20 -1.86 -12.83
N ASP A 12 -4.34 -1.15 -13.94
CA ASP A 12 -4.52 -1.80 -15.23
C ASP A 12 -3.61 -1.17 -16.29
N MET A 13 -2.37 -0.91 -15.91
CA MET A 13 -1.41 -0.30 -16.83
C MET A 13 -0.02 -0.24 -16.19
N ASN A 14 0.92 -0.98 -16.77
CA ASN A 14 2.28 -1.01 -16.25
C ASN A 14 3.23 -1.64 -17.27
N LEU A 15 4.49 -1.21 -17.23
CA LEU A 15 5.51 -1.72 -18.16
C LEU A 15 6.88 -1.19 -17.80
N ASN A 16 6.98 0.13 -17.63
CA ASN A 16 8.24 0.77 -17.28
C ASN A 16 8.11 1.58 -16.00
N PHE A 17 8.49 2.86 -16.07
CA PHE A 17 8.42 3.74 -14.91
C PHE A 17 7.03 3.68 -14.27
N GLN A 18 6.01 3.49 -15.10
CA GLN A 18 4.64 3.42 -14.62
C GLN A 18 4.44 2.19 -13.72
N ASN A 19 5.05 1.08 -14.11
CA ASN A 19 4.94 -0.16 -13.35
C ASN A 19 5.40 0.05 -11.91
N LEU A 20 6.67 0.41 -11.73
CA LEU A 20 7.22 0.64 -10.41
C LEU A 20 6.55 1.83 -9.73
N SER A 21 5.94 2.69 -10.54
CA SER A 21 5.26 3.87 -10.02
C SER A 21 3.96 3.48 -9.30
N VAL A 22 3.09 2.79 -10.03
CA VAL A 22 1.81 2.34 -9.47
C VAL A 22 2.00 1.17 -8.52
N MET A 23 2.88 0.25 -8.89
CA MET A 23 3.16 -0.92 -8.07
C MET A 23 3.98 -0.54 -6.84
N GLY A 24 5.05 0.23 -7.06
CA GLY A 24 5.90 0.64 -5.96
C GLY A 24 5.17 1.52 -4.96
N LEU A 25 4.22 2.31 -5.45
CA LEU A 25 3.44 3.20 -4.59
C LEU A 25 2.42 2.41 -3.77
N ARG A 26 1.80 1.42 -4.40
CA ARG A 26 0.81 0.59 -3.73
C ARG A 26 1.48 -0.38 -2.75
N ILE A 27 2.62 -0.92 -3.15
CA ILE A 27 3.35 -1.86 -2.32
C ILE A 27 3.88 -1.18 -1.06
N LEU A 28 4.36 0.05 -1.22
CA LEU A 28 4.89 0.82 -0.09
C LEU A 28 3.76 1.29 0.82
N LEU A 29 2.68 1.77 0.21
CA LEU A 29 1.53 2.27 0.96
C LEU A 29 1.03 1.21 1.94
N LEU A 30 0.98 -0.04 1.50
CA LEU A 30 0.53 -1.13 2.34
C LEU A 30 1.60 -1.54 3.34
N LYS A 31 2.86 -1.32 2.97
CA LYS A 31 3.98 -1.65 3.83
C LYS A 31 4.20 -0.57 4.89
N VAL A 32 3.74 0.64 4.59
CA VAL A 32 3.89 1.76 5.51
C VAL A 32 2.60 1.97 6.31
N ALA A 33 1.47 1.60 5.72
CA ALA A 33 0.18 1.75 6.38
C ALA A 33 -0.25 0.44 7.05
N GLY A 34 -0.05 -0.67 6.34
CA GLY A 34 -0.43 -1.96 6.87
C GLY A 34 0.13 -2.20 8.26
N PHE A 35 1.27 -1.58 8.55
CA PHE A 35 1.90 -1.74 9.85
C PHE A 35 2.25 -0.37 10.45
N ASN A 36 1.23 0.43 10.71
CA ASN A 36 1.42 1.76 11.29
C ASN A 36 0.16 2.61 11.13
N LEU A 37 -0.11 3.04 9.91
CA LEU A 37 -1.29 3.86 9.63
C LEU A 37 -2.56 3.12 9.97
N LEU A 38 -2.67 1.88 9.48
CA LEU A 38 -3.85 1.06 9.74
C LEU A 38 -4.14 0.99 11.23
N MET A 39 -3.09 1.03 12.04
CA MET A 39 -3.25 0.97 13.49
C MET A 39 -3.72 2.31 14.05
N THR A 40 -3.09 3.39 13.60
CA THR A 40 -3.45 4.72 14.04
C THR A 40 -4.86 5.10 13.59
N LEU A 41 -5.08 5.08 12.28
CA LEU A 41 -6.39 5.41 11.72
C LEU A 41 -7.49 4.60 12.40
N ARG A 42 -7.16 3.39 12.80
CA ARG A 42 -8.12 2.50 13.46
C ARG A 42 -8.77 3.21 14.64
N LEU A 43 -8.04 4.13 15.26
CA LEU A 43 -8.54 4.88 16.41
C LEU A 43 -8.77 6.34 16.04
N TRP A 44 -7.96 6.86 15.13
CA TRP A 44 -8.07 8.25 14.70
C TRP A 44 -8.80 8.34 13.36
N SER A 45 -9.82 9.19 13.29
CA SER A 45 -10.60 9.37 12.08
C SER A 45 -9.69 9.61 10.88
N SER A 46 -10.00 8.96 9.77
CA SER A 46 -9.21 9.10 8.55
C SER A 46 -9.80 8.25 7.42
N ASP A 1 -3.62 -8.36 16.11
CA ASP A 1 -4.90 -8.78 15.55
C ASP A 1 -6.00 -7.78 15.92
N ALA A 2 -6.48 -7.06 14.91
CA ALA A 2 -7.54 -6.07 15.13
C ALA A 2 -8.58 -6.14 14.02
N THR A 3 -8.88 -7.35 13.56
CA THR A 3 -9.86 -7.55 12.49
C THR A 3 -9.31 -7.09 11.15
N LEU A 4 -9.13 -5.78 11.00
CA LEU A 4 -8.61 -5.21 9.77
C LEU A 4 -9.54 -5.52 8.59
N THR A 5 -9.29 -4.89 7.46
CA THR A 5 -10.11 -5.09 6.27
C THR A 5 -9.27 -4.94 4.99
N GLU A 6 -9.08 -6.03 4.28
CA GLU A 6 -8.31 -6.02 3.04
C GLU A 6 -9.00 -5.18 1.98
N LYS A 7 -8.19 -4.52 1.14
CA LYS A 7 -8.73 -3.68 0.08
C LYS A 7 -8.28 -4.18 -1.28
N SER A 8 -8.85 -3.60 -2.35
CA SER A 8 -8.50 -4.00 -3.70
C SER A 8 -8.44 -2.78 -4.62
N PHE A 9 -7.64 -2.88 -5.67
CA PHE A 9 -7.50 -1.78 -6.63
C PHE A 9 -7.91 -2.23 -8.03
N GLU A 10 -7.59 -3.47 -8.38
CA GLU A 10 -7.92 -4.02 -9.68
C GLU A 10 -7.21 -3.25 -10.79
N THR A 11 -5.94 -2.90 -10.54
CA THR A 11 -5.15 -2.17 -11.52
C THR A 11 -3.66 -2.33 -11.24
N ASP A 12 -2.93 -2.83 -12.22
CA ASP A 12 -1.48 -3.02 -12.09
C ASP A 12 -0.73 -2.26 -13.17
N MET A 13 -1.02 -2.58 -14.43
CA MET A 13 -0.37 -1.92 -15.55
C MET A 13 1.15 -1.98 -15.42
N ASN A 14 1.74 -3.08 -15.88
CA ASN A 14 3.18 -3.25 -15.79
C ASN A 14 3.82 -3.16 -17.18
N LEU A 15 4.50 -2.06 -17.45
CA LEU A 15 5.16 -1.85 -18.73
C LEU A 15 6.59 -1.36 -18.54
N ASN A 16 6.73 -0.09 -18.17
CA ASN A 16 8.05 0.50 -17.95
C ASN A 16 8.14 1.10 -16.55
N PHE A 17 8.53 2.37 -16.48
CA PHE A 17 8.66 3.06 -15.20
C PHE A 17 7.32 3.18 -14.50
N GLN A 18 6.27 3.36 -15.29
CA GLN A 18 4.92 3.49 -14.74
C GLN A 18 4.59 2.34 -13.80
N ASN A 19 5.10 1.16 -14.13
CA ASN A 19 4.87 -0.02 -13.32
C ASN A 19 5.34 0.20 -11.89
N LEU A 20 6.60 0.58 -11.74
CA LEU A 20 7.17 0.83 -10.42
C LEU A 20 6.48 2.01 -9.74
N SER A 21 5.85 2.86 -10.54
CA SER A 21 5.15 4.03 -10.01
C SER A 21 3.87 3.62 -9.29
N VAL A 22 3.00 2.90 -10.00
CA VAL A 22 1.75 2.44 -9.43
C VAL A 22 1.96 1.27 -8.46
N MET A 23 2.86 0.37 -8.84
CA MET A 23 3.16 -0.79 -8.01
C MET A 23 4.00 -0.39 -6.80
N GLY A 24 5.05 0.40 -7.04
CA GLY A 24 5.90 0.84 -5.96
C GLY A 24 5.17 1.70 -4.96
N LEU A 25 4.19 2.47 -5.43
CA LEU A 25 3.41 3.35 -4.57
C LEU A 25 2.41 2.55 -3.74
N ARG A 26 1.83 1.53 -4.36
CA ARG A 26 0.85 0.68 -3.67
C ARG A 26 1.54 -0.28 -2.71
N ILE A 27 2.69 -0.80 -3.12
CA ILE A 27 3.45 -1.73 -2.29
C ILE A 27 3.99 -1.03 -1.04
N LEU A 28 4.50 0.18 -1.22
CA LEU A 28 5.04 0.95 -0.11
C LEU A 28 3.94 1.41 0.83
N LEU A 29 2.85 1.91 0.26
CA LEU A 29 1.72 2.39 1.06
C LEU A 29 1.26 1.30 2.03
N LEU A 30 1.13 0.08 1.53
CA LEU A 30 0.69 -1.04 2.36
C LEU A 30 1.77 -1.43 3.36
N LYS A 31 3.02 -1.15 3.01
CA LYS A 31 4.15 -1.47 3.88
C LYS A 31 4.16 -0.57 5.11
N VAL A 32 3.54 0.60 4.98
CA VAL A 32 3.48 1.56 6.08
C VAL A 32 2.11 1.55 6.75
N ALA A 33 1.12 1.06 6.01
CA ALA A 33 -0.25 0.99 6.53
C ALA A 33 -0.29 0.26 7.87
N GLY A 34 0.71 -0.58 8.11
CA GLY A 34 0.77 -1.32 9.35
C GLY A 34 1.22 -2.76 9.15
N PHE A 35 1.26 -3.20 7.90
CA PHE A 35 1.68 -4.56 7.57
C PHE A 35 3.14 -4.58 7.14
N ASN A 36 4.01 -4.10 8.01
CA ASN A 36 5.45 -4.06 7.72
C ASN A 36 6.17 -3.13 8.68
N LEU A 37 5.80 -1.86 8.66
CA LEU A 37 6.41 -0.86 9.53
C LEU A 37 6.23 -1.24 11.01
N LEU A 38 5.04 -1.70 11.35
CA LEU A 38 4.74 -2.10 12.72
C LEU A 38 5.77 -3.10 13.23
N MET A 39 6.35 -3.87 12.32
CA MET A 39 7.35 -4.86 12.69
C MET A 39 8.48 -4.23 13.48
N THR A 40 8.81 -2.98 13.15
CA THR A 40 9.88 -2.26 13.84
C THR A 40 9.67 -2.28 15.35
N LEU A 41 8.52 -1.79 15.78
CA LEU A 41 8.18 -1.75 17.20
C LEU A 41 7.96 -3.16 17.75
N ARG A 42 7.46 -4.04 16.89
CA ARG A 42 7.19 -5.42 17.29
C ARG A 42 8.41 -6.04 17.97
N LEU A 43 9.60 -5.60 17.56
CA LEU A 43 10.84 -6.10 18.13
C LEU A 43 11.56 -5.01 18.91
N TRP A 44 11.35 -3.76 18.51
CA TRP A 44 11.98 -2.63 19.17
C TRP A 44 11.02 -1.96 20.14
N SER A 45 11.47 -1.74 21.37
CA SER A 45 10.65 -1.11 22.40
C SER A 45 10.03 0.19 21.88
N SER A 46 8.78 0.42 22.23
CA SER A 46 8.07 1.62 21.80
C SER A 46 8.83 2.88 22.20
N ASP A 1 6.14 -24.75 7.92
CA ASP A 1 5.01 -24.71 8.85
C ASP A 1 5.00 -23.40 9.63
N ALA A 2 5.22 -22.29 8.93
CA ALA A 2 5.24 -20.98 9.55
C ALA A 2 4.06 -20.13 9.08
N THR A 3 3.64 -19.20 9.93
CA THR A 3 2.52 -18.32 9.59
C THR A 3 2.96 -16.87 9.46
N LEU A 4 2.50 -16.20 8.42
CA LEU A 4 2.86 -14.80 8.18
C LEU A 4 2.05 -14.23 7.02
N THR A 5 2.12 -12.91 6.86
CA THR A 5 1.40 -12.23 5.78
C THR A 5 2.10 -12.43 4.44
N GLU A 6 1.31 -12.42 3.37
CA GLU A 6 1.85 -12.60 2.02
C GLU A 6 1.41 -11.46 1.11
N LYS A 7 0.12 -11.45 0.77
CA LYS A 7 -0.43 -10.42 -0.10
C LYS A 7 0.20 -10.48 -1.49
N SER A 8 -0.18 -9.54 -2.34
CA SER A 8 0.36 -9.48 -3.70
C SER A 8 -0.04 -10.72 -4.49
N PHE A 9 -1.01 -10.56 -5.39
CA PHE A 9 -1.49 -11.66 -6.21
C PHE A 9 -2.40 -11.16 -7.32
N GLU A 10 -1.99 -10.09 -7.98
CA GLU A 10 -2.77 -9.49 -9.06
C GLU A 10 -1.88 -8.70 -10.01
N THR A 11 -0.66 -9.20 -10.23
CA THR A 11 0.28 -8.53 -11.12
C THR A 11 1.43 -9.46 -11.49
N ASP A 12 1.68 -9.62 -12.79
CA ASP A 12 2.75 -10.47 -13.27
C ASP A 12 4.07 -10.12 -12.59
N MET A 13 4.49 -8.87 -12.73
CA MET A 13 5.74 -8.41 -12.12
C MET A 13 5.89 -6.90 -12.27
N ASN A 14 6.22 -6.46 -13.48
CA ASN A 14 6.39 -5.04 -13.76
C ASN A 14 6.74 -4.80 -15.23
N LEU A 15 7.01 -3.56 -15.58
CA LEU A 15 7.36 -3.19 -16.95
C LEU A 15 8.48 -2.16 -16.97
N ASN A 16 8.14 -0.91 -16.67
CA ASN A 16 9.11 0.17 -16.66
C ASN A 16 8.89 1.10 -15.47
N PHE A 17 8.79 2.38 -15.74
CA PHE A 17 8.57 3.38 -14.69
C PHE A 17 7.11 3.40 -14.26
N GLN A 18 6.21 3.44 -15.25
CA GLN A 18 4.78 3.46 -14.97
C GLN A 18 4.39 2.36 -14.00
N ASN A 19 4.85 1.14 -14.28
CA ASN A 19 4.55 0.00 -13.43
C ASN A 19 5.06 0.22 -12.01
N LEU A 20 6.33 0.61 -11.89
CA LEU A 20 6.93 0.85 -10.58
C LEU A 20 6.24 2.03 -9.89
N SER A 21 5.59 2.87 -10.67
CA SER A 21 4.90 4.04 -10.13
C SER A 21 3.63 3.63 -9.39
N VAL A 22 2.76 2.90 -10.08
CA VAL A 22 1.51 2.44 -9.49
C VAL A 22 1.75 1.28 -8.53
N MET A 23 2.64 0.39 -8.92
CA MET A 23 2.97 -0.77 -8.10
C MET A 23 3.82 -0.37 -6.90
N GLY A 24 4.87 0.41 -7.16
CA GLY A 24 5.75 0.85 -6.10
C GLY A 24 5.03 1.71 -5.09
N LEU A 25 4.03 2.46 -5.54
CA LEU A 25 3.26 3.34 -4.66
C LEU A 25 2.28 2.54 -3.81
N ARG A 26 1.67 1.52 -4.42
CA ARG A 26 0.71 0.68 -3.73
C ARG A 26 1.42 -0.28 -2.78
N ILE A 27 2.55 -0.82 -3.21
CA ILE A 27 3.32 -1.76 -2.40
C ILE A 27 3.92 -1.06 -1.19
N LEU A 28 4.41 0.16 -1.39
CA LEU A 28 5.01 0.93 -0.31
C LEU A 28 3.95 1.37 0.70
N LEU A 29 2.83 1.87 0.18
CA LEU A 29 1.74 2.34 1.03
C LEU A 29 1.31 1.24 2.00
N LEU A 30 1.18 0.02 1.49
CA LEU A 30 0.77 -1.12 2.30
C LEU A 30 1.88 -1.51 3.28
N LYS A 31 3.13 -1.22 2.90
CA LYS A 31 4.28 -1.53 3.74
C LYS A 31 4.39 -0.55 4.90
N VAL A 32 3.81 0.63 4.73
CA VAL A 32 3.85 1.66 5.76
C VAL A 32 2.55 1.68 6.56
N ALA A 33 1.49 1.15 5.96
CA ALA A 33 0.19 1.11 6.62
C ALA A 33 0.24 0.32 7.92
N GLY A 34 1.28 -0.51 8.05
CA GLY A 34 1.44 -1.31 9.25
C GLY A 34 1.92 -2.72 8.95
N PHE A 35 1.72 -3.15 7.71
CA PHE A 35 2.13 -4.49 7.29
C PHE A 35 3.60 -4.49 6.87
N ASN A 36 4.47 -4.04 7.77
CA ASN A 36 5.90 -3.98 7.47
C ASN A 36 6.63 -3.08 8.47
N LEU A 37 6.23 -1.81 8.50
CA LEU A 37 6.83 -0.84 9.41
C LEU A 37 6.73 -1.32 10.86
N LEU A 38 5.58 -1.88 11.21
CA LEU A 38 5.36 -2.38 12.57
C LEU A 38 6.48 -3.33 12.99
N MET A 39 7.10 -3.98 12.02
CA MET A 39 8.19 -4.91 12.28
C MET A 39 9.28 -4.23 13.11
N THR A 40 9.56 -2.97 12.80
CA THR A 40 10.59 -2.21 13.51
C THR A 40 10.36 -2.28 15.02
N LEU A 41 9.18 -1.86 15.46
CA LEU A 41 8.85 -1.87 16.88
C LEU A 41 8.64 -3.30 17.38
N ARG A 42 8.17 -4.17 16.49
CA ARG A 42 7.93 -5.56 16.85
C ARG A 42 9.14 -6.16 17.54
N LEU A 43 10.34 -5.71 17.15
CA LEU A 43 11.57 -6.21 17.74
C LEU A 43 12.28 -5.10 18.51
N TRP A 44 12.03 -3.86 18.13
CA TRP A 44 12.65 -2.71 18.79
C TRP A 44 11.69 -2.08 19.78
N SER A 45 12.16 -1.85 21.01
CA SER A 45 11.34 -1.25 22.05
C SER A 45 10.70 0.03 21.56
N SER A 46 9.39 0.16 21.78
CA SER A 46 8.65 1.34 21.36
C SER A 46 8.88 1.63 19.87
#